data_1DBJ
#
_entry.id   1DBJ
#
_cell.length_a   134.760
_cell.length_b   134.760
_cell.length_c   124.210
_cell.angle_alpha   90.00
_cell.angle_beta   90.00
_cell.angle_gamma   120.00
#
_symmetry.space_group_name_H-M   'P 64 2 2'
#
loop_
_entity.id
_entity.type
_entity.pdbx_description
1 polymer 'IGG1-KAPPA DB3 FAB (LIGHT CHAIN)'
2 polymer 'IGG1-KAPPA DB3 FAB (HEAVY CHAIN)'
3 non-polymer AETIOCHOLANOLONE
4 water water
#
loop_
_entity_poly.entity_id
_entity_poly.type
_entity_poly.pdbx_seq_one_letter_code
_entity_poly.pdbx_strand_id
1 'polypeptide(L)'
;DVVMTQIPLSLPVNLGDQASISCRSSQSLIHSNGNTYLHWYLQKPGQSPKLLMYKVSNRFYGVPDRFSGSGSGTDFTLKI
SRVEAEDLGIYFCSQSSHVPPTFGGGTKLEIKRADAAPTVSIFPPSSEQLTSGGASVVCFLNNFYPKDINVKWKIDGSER
QNGVLNSWTDQDSKDSTYSMSSTLTLTKDEYERHNSYTCEATHKTSTSPIVKSFNR
;
L
2 'polypeptide(L)'
;QIQLVQSGPELKKPGETVKISCKASGYAFTNYGVNWVKEAPGKELKWMGWINIYTGEPTYVDDFKGRFAFSLETSASTAY
LEINNLKNEDTATYFCTRGDYVNWYFDVWGAGTTVTVSSAKTTPPSVYPLAPGSAAQTNSMVTLGCLVKGYFPEPVTVTW
NSGSLSSGVHTFPAVLQSDLYTLSSSVTVPSSPRPSETVTCNVAHPASSTKVDKKIVPR
;
H
#
# COMPACT_ATOMS: atom_id res chain seq x y z
N ASP A 1 1.11 -19.37 17.41
CA ASP A 1 1.55 -18.11 16.94
C ASP A 1 1.26 -17.22 18.08
N VAL A 2 2.34 -16.58 18.51
CA VAL A 2 2.25 -15.72 19.63
C VAL A 2 1.80 -14.48 18.92
N VAL A 3 0.49 -14.27 18.93
CA VAL A 3 -0.16 -13.11 18.36
C VAL A 3 0.48 -11.93 19.01
N MET A 4 1.09 -11.11 18.15
CA MET A 4 1.72 -9.86 18.53
C MET A 4 0.76 -8.73 18.16
N THR A 5 0.39 -7.74 19.00
CA THR A 5 -0.65 -6.74 18.71
C THR A 5 -0.04 -5.39 18.96
N GLN A 6 -0.37 -4.36 18.16
CA GLN A 6 0.15 -2.99 18.31
C GLN A 6 -0.97 -2.01 18.09
N ILE A 7 -0.98 -0.95 18.89
CA ILE A 7 -1.99 0.10 18.76
C ILE A 7 -1.14 1.35 19.00
N PRO A 8 -1.40 2.46 18.35
CA PRO A 8 -2.43 2.65 17.37
C PRO A 8 -2.17 2.22 15.96
N LEU A 9 -3.07 1.91 15.04
CA LEU A 9 -2.67 1.78 13.63
C LEU A 9 -1.94 3.04 13.18
N SER A 10 -2.48 4.24 13.32
CA SER A 10 -1.81 5.45 12.84
C SER A 10 -1.57 6.48 13.95
N LEU A 11 -0.36 7.04 14.10
CA LEU A 11 -0.04 7.91 15.21
C LEU A 11 0.28 9.29 14.68
N PRO A 12 -0.59 10.28 14.60
CA PRO A 12 -0.29 11.60 14.11
C PRO A 12 0.69 12.16 15.07
N VAL A 13 1.71 12.82 14.57
CA VAL A 13 2.73 13.32 15.43
C VAL A 13 3.24 14.63 14.87
N ASN A 14 3.35 15.66 15.68
CA ASN A 14 3.96 16.85 15.15
C ASN A 14 5.43 16.53 15.30
N LEU A 15 6.16 16.60 14.19
CA LEU A 15 7.61 16.49 14.16
C LEU A 15 8.13 17.37 15.25
N GLY A 16 9.27 17.04 15.79
CA GLY A 16 9.77 17.78 16.93
C GLY A 16 9.24 17.14 18.20
N ASP A 17 7.98 16.71 18.27
CA ASP A 17 7.49 16.11 19.48
C ASP A 17 8.14 14.79 19.85
N GLN A 18 7.55 13.99 20.75
CA GLN A 18 8.05 12.68 21.05
C GLN A 18 6.96 11.62 20.99
N ALA A 19 7.25 10.57 20.27
CA ALA A 19 6.27 9.54 20.01
C ALA A 19 6.66 8.35 20.87
N SER A 20 5.67 7.55 21.22
CA SER A 20 5.93 6.35 21.96
C SER A 20 4.97 5.34 21.36
N ILE A 21 5.42 4.12 21.09
CA ILE A 21 4.60 3.10 20.44
C ILE A 21 4.51 1.89 21.38
N SER A 22 3.50 1.03 21.37
CA SER A 22 3.50 -0.12 22.26
C SER A 22 3.11 -1.39 21.52
N CYS A 23 3.40 -2.55 22.09
CA CYS A 23 3.21 -3.85 21.44
C CYS A 23 2.88 -4.86 22.54
N ARG A 24 2.18 -5.99 22.36
CA ARG A 24 1.82 -6.89 23.44
C ARG A 24 1.75 -8.31 22.93
N SER A 25 1.96 -9.32 23.77
CA SER A 25 2.17 -10.68 23.28
C SER A 25 1.16 -11.75 23.71
N SER A 26 0.70 -12.65 22.84
CA SER A 26 -0.23 -13.64 23.34
C SER A 26 0.41 -14.75 24.20
N GLN A 27 1.62 -14.54 24.74
CA GLN A 27 2.36 -15.44 25.63
C GLN A 27 3.36 -14.53 26.37
N SER A 28 4.36 -15.01 27.13
CA SER A 28 5.37 -14.13 27.72
C SER A 28 6.61 -14.37 26.94
N LEU A 29 7.43 -13.34 26.94
CA LEU A 29 8.61 -13.29 26.11
C LEU A 29 9.97 -13.54 26.79
N ILE A 30 10.02 -13.81 28.10
CA ILE A 30 11.27 -14.20 28.70
C ILE A 30 11.49 -15.63 28.16
N HIS A 31 12.64 -15.81 27.53
CA HIS A 31 12.99 -17.09 26.94
C HIS A 31 13.38 -17.96 28.13
N SER A 32 13.47 -19.27 27.85
CA SER A 32 13.85 -20.29 28.80
C SER A 32 15.29 -20.15 29.39
N ASN A 33 15.86 -18.95 29.56
CA ASN A 33 17.14 -18.70 30.15
C ASN A 33 17.37 -17.20 30.22
N GLY A 34 16.36 -16.53 30.76
CA GLY A 34 16.40 -15.11 31.04
C GLY A 34 16.81 -14.20 29.91
N ASN A 35 16.33 -14.37 28.68
CA ASN A 35 16.63 -13.38 27.66
C ASN A 35 15.35 -13.03 26.92
N THR A 36 15.16 -11.80 26.46
CA THR A 36 13.85 -11.45 25.93
C THR A 36 13.96 -11.01 24.47
N TYR A 37 13.63 -11.87 23.53
CA TYR A 37 13.85 -11.54 22.15
C TYR A 37 12.68 -10.84 21.57
N LEU A 38 12.50 -9.57 21.91
CA LEU A 38 11.50 -8.70 21.27
C LEU A 38 12.33 -7.71 20.48
N HIS A 39 12.17 -7.56 19.14
CA HIS A 39 12.97 -6.66 18.29
C HIS A 39 12.06 -5.73 17.47
N TRP A 40 12.36 -4.48 17.11
CA TRP A 40 11.47 -3.60 16.34
C TRP A 40 12.08 -3.15 15.03
N TYR A 41 11.37 -3.32 13.94
CA TYR A 41 11.78 -2.92 12.61
C TYR A 41 11.20 -1.61 12.15
N LEU A 42 11.81 -0.73 11.37
CA LEU A 42 11.17 0.44 10.74
C LEU A 42 11.12 0.20 9.25
N GLN A 43 9.97 0.30 8.62
CA GLN A 43 9.83 0.13 7.19
C GLN A 43 9.39 1.44 6.54
N LYS A 44 10.34 2.10 5.91
CA LYS A 44 10.04 3.33 5.17
C LYS A 44 9.36 2.98 3.85
N PRO A 45 8.75 3.86 3.08
CA PRO A 45 7.68 3.48 2.12
C PRO A 45 8.24 2.74 0.90
N GLY A 46 7.72 1.56 0.57
CA GLY A 46 8.21 0.82 -0.57
C GLY A 46 9.73 0.73 -0.46
N GLN A 47 10.15 0.26 0.73
CA GLN A 47 11.54 -0.05 1.05
C GLN A 47 11.53 -1.29 1.95
N SER A 48 12.66 -1.66 2.56
CA SER A 48 12.72 -2.82 3.41
C SER A 48 12.54 -2.45 4.86
N PRO A 49 12.05 -3.37 5.72
CA PRO A 49 12.27 -3.34 7.16
C PRO A 49 13.75 -3.21 7.50
N LYS A 50 14.13 -2.73 8.67
CA LYS A 50 15.53 -2.71 9.07
C LYS A 50 15.63 -2.70 10.58
N LEU A 51 16.29 -3.65 11.22
CA LEU A 51 16.48 -3.68 12.66
C LEU A 51 16.76 -2.34 13.34
N LEU A 52 15.98 -1.90 14.35
CA LEU A 52 16.25 -0.67 15.06
C LEU A 52 16.67 -0.98 16.46
N MET A 53 16.10 -1.99 17.12
CA MET A 53 16.28 -2.25 18.54
C MET A 53 16.07 -3.72 18.71
N TYR A 54 16.97 -4.37 19.42
CA TYR A 54 16.85 -5.78 19.71
C TYR A 54 16.95 -6.01 21.22
N LYS A 55 16.55 -7.21 21.60
CA LYS A 55 16.51 -7.69 22.96
C LYS A 55 15.96 -6.61 23.85
N VAL A 56 14.80 -6.13 23.46
CA VAL A 56 14.05 -5.09 24.14
C VAL A 56 14.64 -3.70 24.26
N SER A 57 15.92 -3.49 24.55
CA SER A 57 16.44 -2.17 24.92
C SER A 57 17.77 -1.81 24.28
N ASN A 58 18.27 -2.56 23.30
CA ASN A 58 19.60 -2.38 22.74
C ASN A 58 19.49 -1.77 21.37
N ARG A 59 20.25 -0.74 21.05
CA ARG A 59 20.06 -0.09 19.78
C ARG A 59 20.92 -0.48 18.60
N PHE A 60 20.36 -0.77 17.44
CA PHE A 60 21.20 -1.27 16.38
C PHE A 60 22.21 -0.28 15.91
N TYR A 61 23.27 -0.77 15.31
CA TYR A 61 24.38 0.05 14.93
C TYR A 61 23.82 1.02 13.95
N GLY A 62 24.23 2.21 14.33
CA GLY A 62 23.86 3.39 13.61
C GLY A 62 22.55 3.97 14.07
N VAL A 63 21.54 3.18 14.51
CA VAL A 63 20.22 3.72 14.85
C VAL A 63 20.26 4.85 15.80
N PRO A 64 19.60 5.96 15.44
CA PRO A 64 19.85 7.28 16.03
C PRO A 64 19.61 7.37 17.51
N ASP A 65 20.45 8.06 18.29
CA ASP A 65 20.39 8.08 19.74
C ASP A 65 19.16 8.55 20.51
N ARG A 66 18.09 8.91 19.82
CA ARG A 66 16.85 9.26 20.49
C ARG A 66 15.90 8.10 20.55
N PHE A 67 16.22 6.94 19.99
CA PHE A 67 15.31 5.84 20.12
C PHE A 67 15.49 5.12 21.46
N SER A 68 14.46 4.59 22.14
CA SER A 68 14.62 3.89 23.41
C SER A 68 13.69 2.69 23.50
N GLY A 69 13.98 1.76 24.41
CA GLY A 69 13.15 0.59 24.56
C GLY A 69 12.95 0.23 26.04
N SER A 70 11.83 -0.44 26.37
CA SER A 70 11.53 -0.87 27.72
C SER A 70 10.38 -1.85 27.63
N GLY A 71 10.03 -2.49 28.73
CA GLY A 71 8.88 -3.37 28.78
C GLY A 71 9.23 -4.70 29.40
N SER A 72 8.32 -5.42 30.02
CA SER A 72 8.76 -6.69 30.54
C SER A 72 7.76 -7.72 30.14
N GLY A 73 8.22 -8.91 29.77
CA GLY A 73 7.31 -10.02 29.61
C GLY A 73 6.25 -9.90 28.55
N THR A 74 5.27 -9.02 28.65
CA THR A 74 4.21 -8.92 27.69
C THR A 74 3.91 -7.52 27.21
N ASP A 75 4.29 -6.39 27.81
CA ASP A 75 4.03 -5.09 27.20
C ASP A 75 5.31 -4.37 26.84
N PHE A 76 5.65 -4.13 25.59
CA PHE A 76 6.90 -3.45 25.32
C PHE A 76 6.53 -2.13 24.69
N THR A 77 7.38 -1.11 24.84
CA THR A 77 7.08 0.15 24.25
C THR A 77 8.32 0.75 23.54
N LEU A 78 8.26 1.29 22.31
CA LEU A 78 9.40 1.98 21.73
C LEU A 78 9.21 3.46 22.03
N LYS A 79 10.21 4.26 22.33
CA LYS A 79 10.02 5.68 22.45
C LYS A 79 10.95 6.48 21.56
N ILE A 80 10.53 7.42 20.74
CA ILE A 80 11.41 8.29 19.94
C ILE A 80 11.41 9.68 20.62
N SER A 81 12.51 10.34 20.86
CA SER A 81 12.51 11.54 21.66
C SER A 81 12.19 12.85 20.96
N ARG A 82 12.65 13.16 19.78
CA ARG A 82 12.32 14.43 19.15
C ARG A 82 12.12 13.88 17.77
N VAL A 83 10.97 13.33 17.41
CA VAL A 83 10.87 12.65 16.13
C VAL A 83 11.26 13.65 15.04
N GLU A 84 12.29 13.32 14.25
CA GLU A 84 12.69 14.11 13.10
C GLU A 84 11.97 13.55 11.88
N ALA A 85 11.86 14.28 10.76
CA ALA A 85 11.13 13.81 9.58
C ALA A 85 11.45 12.39 9.07
N GLU A 86 12.64 11.82 9.29
CA GLU A 86 12.94 10.50 8.76
C GLU A 86 12.96 9.37 9.78
N ASP A 87 12.12 9.55 10.78
CA ASP A 87 11.76 8.47 11.67
C ASP A 87 10.36 8.03 11.21
N LEU A 88 9.78 8.66 10.17
CA LEU A 88 8.45 8.35 9.68
C LEU A 88 8.36 7.10 8.84
N GLY A 89 7.47 6.18 9.13
CA GLY A 89 7.31 4.96 8.37
C GLY A 89 6.43 4.04 9.19
N ILE A 90 6.38 2.73 8.88
CA ILE A 90 5.57 1.76 9.60
C ILE A 90 6.50 1.14 10.62
N TYR A 91 6.39 1.33 11.93
CA TYR A 91 7.20 0.65 12.95
C TYR A 91 6.66 -0.73 13.31
N PHE A 92 7.31 -1.87 13.03
CA PHE A 92 6.81 -3.19 13.39
C PHE A 92 7.49 -3.73 14.60
N CYS A 93 6.96 -4.69 15.33
CA CYS A 93 7.63 -5.28 16.45
C CYS A 93 7.59 -6.78 16.20
N SER A 94 8.61 -7.53 16.56
CA SER A 94 8.64 -8.94 16.35
C SER A 94 9.18 -9.63 17.57
N GLN A 95 8.94 -10.90 17.58
CA GLN A 95 9.37 -11.72 18.66
C GLN A 95 10.03 -12.91 18.08
N SER A 96 11.23 -13.32 18.51
CA SER A 96 11.75 -14.64 18.16
C SER A 96 12.16 -15.25 19.53
N SER A 97 11.18 -15.36 20.44
CA SER A 97 11.33 -16.01 21.73
C SER A 97 10.64 -17.33 21.65
N HIS A 98 9.75 -17.56 20.67
CA HIS A 98 8.93 -18.75 20.60
C HIS A 98 8.86 -19.13 19.14
N VAL A 99 8.81 -20.42 18.83
CA VAL A 99 8.86 -20.84 17.46
C VAL A 99 7.45 -20.70 16.98
N PRO A 100 7.02 -20.00 15.94
CA PRO A 100 7.90 -19.39 14.99
C PRO A 100 7.90 -17.90 15.19
N PRO A 101 8.97 -17.14 14.92
CA PRO A 101 8.94 -15.68 14.93
C PRO A 101 7.69 -15.08 14.27
N THR A 102 7.07 -14.14 14.99
CA THR A 102 5.87 -13.51 14.49
C THR A 102 6.07 -12.02 14.50
N PHE A 103 5.31 -11.37 13.61
CA PHE A 103 5.32 -9.93 13.42
C PHE A 103 4.00 -9.31 13.83
N GLY A 104 4.04 -8.12 14.39
CA GLY A 104 2.81 -7.43 14.69
C GLY A 104 2.53 -6.52 13.53
N GLY A 105 1.27 -6.08 13.35
CA GLY A 105 0.80 -5.19 12.29
C GLY A 105 1.51 -3.84 12.10
N GLY A 106 2.23 -3.28 13.06
CA GLY A 106 2.94 -2.04 12.81
C GLY A 106 2.10 -0.83 13.08
N THR A 107 2.68 0.34 13.30
CA THR A 107 1.94 1.54 13.59
C THR A 107 2.68 2.57 12.81
N LYS A 108 1.95 3.36 12.05
CA LYS A 108 2.63 4.33 11.19
C LYS A 108 2.74 5.70 11.78
N LEU A 109 3.88 6.34 11.77
CA LEU A 109 3.99 7.71 12.24
C LEU A 109 3.34 8.52 11.13
N GLU A 110 2.59 9.57 11.40
CA GLU A 110 1.94 10.37 10.37
C GLU A 110 2.10 11.80 10.82
N ILE A 111 2.17 12.84 10.00
CA ILE A 111 2.28 14.24 10.49
C ILE A 111 0.89 14.66 10.91
N LYS A 112 0.81 15.53 11.90
CA LYS A 112 -0.46 16.05 12.38
C LYS A 112 -0.70 17.38 11.72
N ARG A 113 -1.98 17.69 11.51
CA ARG A 113 -2.37 19.00 10.99
C ARG A 113 -3.84 19.27 11.37
N ALA A 114 -4.15 20.58 11.41
CA ALA A 114 -5.48 21.06 11.72
C ALA A 114 -6.44 20.35 10.79
N ASP A 115 -7.66 20.10 11.19
CA ASP A 115 -8.57 19.36 10.36
C ASP A 115 -9.08 20.18 9.16
N ALA A 116 -9.64 19.47 8.19
CA ALA A 116 -10.28 20.03 7.00
C ALA A 116 -11.35 19.01 6.58
N ALA A 117 -12.20 19.36 5.62
CA ALA A 117 -13.24 18.44 5.24
C ALA A 117 -13.14 18.18 3.75
N PRO A 118 -13.56 17.09 3.15
CA PRO A 118 -13.23 16.77 1.80
C PRO A 118 -13.87 17.67 0.80
N THR A 119 -13.11 18.26 -0.09
CA THR A 119 -13.68 18.99 -1.20
C THR A 119 -14.41 17.96 -2.10
N VAL A 120 -15.62 17.46 -1.88
CA VAL A 120 -16.15 16.46 -2.80
C VAL A 120 -16.60 17.03 -4.14
N SER A 121 -16.43 16.26 -5.23
CA SER A 121 -16.77 16.61 -6.62
C SER A 121 -17.34 15.34 -7.20
N ILE A 122 -18.43 15.46 -7.97
CA ILE A 122 -19.20 14.33 -8.47
C ILE A 122 -19.35 14.32 -9.99
N PHE A 123 -18.84 13.26 -10.67
CA PHE A 123 -18.82 13.13 -12.13
C PHE A 123 -19.73 12.02 -12.71
N PRO A 124 -20.67 12.35 -13.62
CA PRO A 124 -21.44 11.40 -14.41
C PRO A 124 -20.66 10.72 -15.51
N PRO A 125 -21.13 9.64 -16.11
CA PRO A 125 -20.52 9.06 -17.27
C PRO A 125 -20.47 9.94 -18.53
N SER A 126 -19.40 9.67 -19.23
CA SER A 126 -19.05 10.42 -20.40
C SER A 126 -19.72 9.66 -21.53
N SER A 127 -20.15 10.46 -22.52
CA SER A 127 -20.76 9.95 -23.75
C SER A 127 -19.92 8.77 -24.25
N GLU A 128 -18.61 8.91 -24.24
CA GLU A 128 -17.86 7.82 -24.75
C GLU A 128 -17.78 6.58 -23.88
N GLN A 129 -17.89 6.57 -22.56
CA GLN A 129 -18.02 5.26 -21.93
C GLN A 129 -19.44 4.81 -22.26
N LEU A 130 -20.43 5.72 -22.46
CA LEU A 130 -21.76 5.24 -22.77
C LEU A 130 -21.86 4.61 -24.14
N THR A 131 -21.21 5.02 -25.25
CA THR A 131 -21.44 4.36 -26.55
C THR A 131 -20.91 2.94 -26.59
N SER A 132 -20.35 2.39 -25.50
CA SER A 132 -20.02 0.99 -25.50
C SER A 132 -20.57 0.29 -24.24
N GLY A 133 -21.31 0.87 -23.29
CA GLY A 133 -21.95 -0.03 -22.35
C GLY A 133 -21.73 0.17 -20.88
N GLY A 134 -20.56 0.25 -20.28
CA GLY A 134 -20.55 0.48 -18.83
C GLY A 134 -20.92 1.94 -18.57
N ALA A 135 -20.88 2.33 -17.31
CA ALA A 135 -21.11 3.68 -16.91
C ALA A 135 -20.55 3.69 -15.51
N SER A 136 -19.39 4.28 -15.32
CA SER A 136 -18.78 4.42 -14.00
C SER A 136 -19.07 5.82 -13.41
N VAL A 137 -20.03 6.03 -12.50
CA VAL A 137 -20.16 7.35 -11.88
C VAL A 137 -18.94 7.44 -10.94
N VAL A 138 -18.29 8.60 -10.79
CA VAL A 138 -17.04 8.74 -10.03
C VAL A 138 -17.13 9.93 -9.11
N CYS A 139 -17.04 9.81 -7.79
CA CYS A 139 -17.04 10.93 -6.83
C CYS A 139 -15.59 11.12 -6.36
N PHE A 140 -15.03 12.32 -6.09
CA PHE A 140 -13.68 12.48 -5.60
C PHE A 140 -13.82 13.18 -4.26
N LEU A 141 -13.49 12.52 -3.18
CA LEU A 141 -13.63 13.11 -1.89
C LEU A 141 -12.18 13.52 -1.62
N ASN A 142 -11.79 14.70 -2.08
CA ASN A 142 -10.42 15.19 -2.06
C ASN A 142 -10.02 16.10 -0.93
N ASN A 143 -8.73 16.11 -0.58
CA ASN A 143 -8.04 16.95 0.38
C ASN A 143 -8.44 17.08 1.85
N PHE A 144 -8.86 15.99 2.49
CA PHE A 144 -9.26 16.00 3.87
C PHE A 144 -8.29 15.45 4.90
N TYR A 145 -8.45 15.73 6.17
CA TYR A 145 -7.69 15.11 7.25
C TYR A 145 -8.75 15.07 8.38
N PRO A 146 -8.91 14.07 9.26
CA PRO A 146 -8.17 12.83 9.35
C PRO A 146 -8.70 11.76 8.45
N LYS A 147 -7.84 10.77 8.30
CA LYS A 147 -8.05 9.70 7.38
C LYS A 147 -9.44 9.09 7.37
N ASP A 148 -10.12 8.81 8.47
CA ASP A 148 -11.46 8.23 8.42
C ASP A 148 -12.49 9.23 7.91
N ILE A 149 -13.19 8.67 6.94
CA ILE A 149 -14.23 9.28 6.15
C ILE A 149 -14.98 8.03 5.69
N ASN A 150 -16.29 8.13 5.47
CA ASN A 150 -17.00 6.97 4.95
C ASN A 150 -17.97 7.45 3.85
N VAL A 151 -18.02 6.72 2.73
CA VAL A 151 -18.87 7.13 1.62
C VAL A 151 -20.01 6.14 1.51
N LYS A 152 -21.16 6.68 1.10
CA LYS A 152 -22.39 5.97 0.90
C LYS A 152 -22.82 6.43 -0.50
N TRP A 153 -23.45 5.55 -1.28
CA TRP A 153 -23.88 5.91 -2.59
C TRP A 153 -25.38 5.75 -2.71
N LYS A 154 -26.04 6.91 -2.58
CA LYS A 154 -27.47 7.02 -2.70
C LYS A 154 -27.92 7.00 -4.16
N ILE A 155 -28.69 6.01 -4.53
CA ILE A 155 -29.17 5.85 -5.87
C ILE A 155 -30.67 5.92 -5.79
N ASP A 156 -31.15 7.05 -6.31
CA ASP A 156 -32.56 7.45 -6.38
C ASP A 156 -33.27 7.43 -5.05
N GLY A 157 -32.56 7.96 -4.05
CA GLY A 157 -33.09 7.86 -2.70
C GLY A 157 -32.57 6.57 -2.04
N SER A 158 -32.82 5.37 -2.60
CA SER A 158 -32.22 4.17 -2.08
C SER A 158 -30.70 4.26 -1.98
N GLU A 159 -30.11 3.13 -1.59
CA GLU A 159 -28.69 3.04 -1.39
C GLU A 159 -28.18 1.93 -2.32
N ARG A 160 -26.89 1.99 -2.70
CA ARG A 160 -26.31 0.90 -3.46
C ARG A 160 -25.07 0.45 -2.72
N GLN A 161 -24.83 -0.87 -2.89
CA GLN A 161 -23.65 -1.52 -2.32
C GLN A 161 -22.76 -2.26 -3.35
N ASN A 162 -23.21 -3.15 -4.27
CA ASN A 162 -22.22 -3.73 -5.21
C ASN A 162 -21.97 -2.67 -6.27
N GLY A 163 -20.69 -2.42 -6.54
CA GLY A 163 -20.36 -1.46 -7.55
C GLY A 163 -19.33 -0.54 -7.00
N VAL A 164 -19.30 -0.21 -5.72
CA VAL A 164 -18.31 0.70 -5.20
C VAL A 164 -16.99 -0.03 -5.17
N LEU A 165 -15.88 0.60 -5.59
CA LEU A 165 -14.53 0.18 -5.24
C LEU A 165 -13.81 1.51 -4.97
N ASN A 166 -13.40 1.72 -3.70
CA ASN A 166 -12.80 2.99 -3.30
C ASN A 166 -11.31 2.88 -3.39
N SER A 167 -10.56 3.99 -3.33
CA SER A 167 -9.12 3.90 -3.30
C SER A 167 -8.57 5.17 -2.70
N TRP A 168 -7.58 4.99 -1.84
CA TRP A 168 -7.11 6.00 -0.95
C TRP A 168 -5.70 6.51 -1.24
N THR A 169 -5.37 7.80 -1.01
CA THR A 169 -4.02 8.28 -1.25
C THR A 169 -3.17 8.48 -0.01
N ASP A 170 -1.86 8.26 -0.10
CA ASP A 170 -0.95 8.36 1.03
C ASP A 170 -0.98 9.79 1.46
N GLN A 171 -0.67 10.02 2.73
CA GLN A 171 -0.73 11.35 3.26
C GLN A 171 0.12 12.28 2.47
N ASP A 172 -0.53 13.15 1.69
CA ASP A 172 0.14 14.13 0.86
C ASP A 172 1.22 14.93 1.58
N SER A 173 2.45 14.83 1.17
CA SER A 173 3.62 15.44 1.78
C SER A 173 3.70 16.95 1.65
N LYS A 174 2.72 17.60 0.98
CA LYS A 174 2.74 19.05 0.85
C LYS A 174 1.77 19.63 1.86
N ASP A 175 0.58 19.09 2.13
CA ASP A 175 -0.28 19.65 3.14
C ASP A 175 -0.81 18.53 3.99
N SER A 176 -0.10 17.48 4.22
CA SER A 176 -0.53 16.37 5.05
C SER A 176 -1.95 15.84 5.02
N THR A 177 -2.73 16.07 3.98
CA THR A 177 -4.07 15.58 3.83
C THR A 177 -4.13 14.24 3.16
N TYR A 178 -5.31 13.65 3.11
CA TYR A 178 -5.62 12.42 2.42
C TYR A 178 -6.53 12.76 1.24
N SER A 179 -6.87 11.83 0.37
CA SER A 179 -7.85 12.03 -0.65
C SER A 179 -8.39 10.62 -0.90
N MET A 180 -9.62 10.52 -1.38
CA MET A 180 -10.21 9.23 -1.63
C MET A 180 -11.22 9.32 -2.77
N SER A 181 -11.56 8.22 -3.41
CA SER A 181 -12.50 8.27 -4.53
C SER A 181 -13.22 6.95 -4.69
N SER A 182 -14.50 7.00 -5.02
CA SER A 182 -15.27 5.79 -5.24
C SER A 182 -15.85 5.90 -6.65
N THR A 183 -15.85 4.87 -7.47
CA THR A 183 -16.50 5.00 -8.75
C THR A 183 -17.55 3.94 -8.65
N LEU A 184 -18.80 4.31 -8.81
CA LEU A 184 -19.88 3.37 -8.76
C LEU A 184 -19.87 2.84 -10.20
N THR A 185 -19.74 1.52 -10.43
CA THR A 185 -19.61 1.00 -11.78
C THR A 185 -20.94 0.33 -12.00
N LEU A 186 -21.78 0.99 -12.80
CA LEU A 186 -23.08 0.42 -13.22
C LEU A 186 -22.97 0.04 -14.71
N THR A 187 -23.92 -0.78 -15.22
CA THR A 187 -24.02 -1.01 -16.65
C THR A 187 -24.78 0.21 -17.23
N LYS A 188 -24.89 0.32 -18.57
CA LYS A 188 -25.65 1.42 -19.19
C LYS A 188 -27.18 1.27 -19.01
N ASP A 189 -27.82 0.09 -18.81
CA ASP A 189 -29.27 0.07 -18.53
C ASP A 189 -29.46 0.04 -17.01
N GLU A 190 -28.42 -0.07 -16.15
CA GLU A 190 -28.70 0.10 -14.74
C GLU A 190 -28.70 1.61 -14.58
N TYR A 191 -27.68 2.28 -15.14
CA TYR A 191 -27.58 3.73 -15.14
C TYR A 191 -28.89 4.30 -15.79
N GLU A 192 -29.31 3.95 -17.00
CA GLU A 192 -30.50 4.57 -17.56
C GLU A 192 -31.85 4.07 -17.01
N ARG A 193 -31.85 3.27 -15.91
CA ARG A 193 -33.10 2.94 -15.26
C ARG A 193 -33.13 3.73 -13.95
N HIS A 194 -32.32 4.77 -13.87
CA HIS A 194 -32.33 5.62 -12.70
C HIS A 194 -32.15 7.04 -13.09
N ASN A 195 -32.30 7.92 -12.12
CA ASN A 195 -32.21 9.34 -12.38
C ASN A 195 -31.33 10.03 -11.35
N SER A 196 -31.74 10.13 -10.07
CA SER A 196 -30.92 10.89 -9.11
C SER A 196 -29.77 10.02 -8.60
N TYR A 197 -28.59 10.66 -8.69
CA TYR A 197 -27.37 9.99 -8.32
C TYR A 197 -26.72 10.94 -7.39
N THR A 198 -26.52 10.46 -6.16
CA THR A 198 -25.84 11.25 -5.15
C THR A 198 -24.92 10.39 -4.34
N CYS A 199 -23.80 11.04 -4.23
CA CYS A 199 -22.64 10.53 -3.55
C CYS A 199 -22.64 11.17 -2.19
N GLU A 200 -22.37 10.43 -1.12
CA GLU A 200 -22.47 11.00 0.20
C GLU A 200 -21.38 10.50 1.16
N ALA A 201 -20.81 11.38 1.98
CA ALA A 201 -19.64 11.07 2.78
C ALA A 201 -19.73 11.64 4.18
N THR A 202 -19.74 10.89 5.30
CA THR A 202 -19.69 11.55 6.59
C THR A 202 -18.24 11.56 7.09
N HIS A 203 -17.65 12.71 7.26
CA HIS A 203 -16.30 12.80 7.80
C HIS A 203 -16.38 13.43 9.19
N LYS A 204 -15.46 13.17 10.14
CA LYS A 204 -15.41 13.74 11.49
C LYS A 204 -15.80 15.21 11.58
N THR A 205 -15.53 16.05 10.58
CA THR A 205 -15.80 17.50 10.69
C THR A 205 -17.22 18.12 10.68
N SER A 206 -18.18 17.59 9.92
CA SER A 206 -19.51 18.15 9.88
C SER A 206 -20.40 17.05 10.48
N THR A 207 -21.39 17.42 11.30
CA THR A 207 -22.28 16.41 11.86
C THR A 207 -23.12 15.85 10.68
N SER A 208 -23.62 16.76 9.83
CA SER A 208 -24.43 16.47 8.64
C SER A 208 -23.54 15.92 7.50
N PRO A 209 -23.94 14.97 6.61
CA PRO A 209 -23.11 14.44 5.53
C PRO A 209 -22.85 15.46 4.42
N ILE A 210 -21.70 15.42 3.74
CA ILE A 210 -21.38 16.40 2.70
C ILE A 210 -21.71 15.89 1.30
N VAL A 211 -23.01 15.57 1.11
CA VAL A 211 -23.58 15.08 -0.15
C VAL A 211 -23.30 15.90 -1.40
N LYS A 212 -23.31 15.28 -2.60
CA LYS A 212 -23.26 15.99 -3.86
C LYS A 212 -24.03 15.20 -4.92
N SER A 213 -24.43 15.81 -6.03
CA SER A 213 -25.35 15.15 -6.97
C SER A 213 -25.49 15.69 -8.38
N PHE A 214 -25.94 14.80 -9.26
CA PHE A 214 -26.38 15.21 -10.57
C PHE A 214 -27.59 14.35 -10.81
N ASN A 215 -28.44 14.91 -11.66
CA ASN A 215 -29.72 14.28 -11.93
C ASN A 215 -29.52 13.86 -13.34
N ARG A 216 -29.65 12.54 -13.52
CA ARG A 216 -29.40 11.91 -14.80
C ARG A 216 -30.29 12.63 -15.76
N GLN B 1 29.50 -3.68 0.78
CA GLN B 1 28.12 -3.34 1.03
C GLN B 1 27.65 -4.77 1.25
N ILE B 2 27.56 -5.12 2.53
CA ILE B 2 27.07 -6.43 2.89
C ILE B 2 25.60 -6.35 2.50
N GLN B 3 25.20 -7.04 1.46
CA GLN B 3 23.83 -7.02 1.07
C GLN B 3 23.34 -8.40 0.70
N LEU B 4 22.05 -8.65 0.59
CA LEU B 4 21.54 -9.88 0.09
C LEU B 4 20.87 -9.26 -1.13
N VAL B 5 21.17 -9.73 -2.32
CA VAL B 5 20.64 -9.08 -3.48
C VAL B 5 19.78 -10.08 -4.23
N GLN B 6 18.54 -9.69 -4.42
CA GLN B 6 17.48 -10.51 -4.99
C GLN B 6 17.07 -10.35 -6.44
N SER B 7 16.41 -11.33 -7.03
CA SER B 7 16.00 -11.27 -8.40
C SER B 7 15.02 -10.15 -8.69
N GLY B 8 14.36 -10.11 -9.85
CA GLY B 8 13.46 -9.05 -10.21
C GLY B 8 12.01 -9.48 -10.17
N PRO B 9 11.00 -8.67 -10.52
CA PRO B 9 9.61 -8.95 -10.30
C PRO B 9 9.15 -10.10 -11.17
N GLU B 10 8.22 -10.91 -10.73
CA GLU B 10 7.82 -12.03 -11.52
C GLU B 10 6.33 -11.94 -11.76
N LEU B 11 5.85 -12.17 -12.97
CA LEU B 11 4.43 -12.13 -13.25
C LEU B 11 4.10 -13.55 -13.69
N LYS B 12 3.30 -14.34 -12.99
CA LYS B 12 3.07 -15.71 -13.33
C LYS B 12 1.61 -15.97 -13.42
N LYS B 13 1.09 -16.80 -14.28
CA LYS B 13 -0.30 -17.20 -14.19
C LYS B 13 -0.40 -18.38 -13.22
N PRO B 14 -1.53 -18.67 -12.57
CA PRO B 14 -1.87 -19.90 -11.93
C PRO B 14 -1.18 -21.16 -12.37
N GLY B 15 -0.82 -22.02 -11.44
CA GLY B 15 -0.21 -23.28 -11.83
C GLY B 15 1.24 -23.14 -12.26
N GLU B 16 1.85 -21.99 -12.53
CA GLU B 16 3.23 -21.97 -13.02
C GLU B 16 4.21 -22.19 -11.87
N THR B 17 5.55 -21.96 -12.03
CA THR B 17 6.53 -22.06 -10.95
C THR B 17 7.50 -20.84 -10.99
N VAL B 18 8.09 -20.37 -9.86
CA VAL B 18 9.01 -19.22 -9.82
C VAL B 18 10.11 -19.65 -8.85
N LYS B 19 11.32 -19.15 -9.06
CA LYS B 19 12.48 -19.52 -8.26
C LYS B 19 13.15 -18.19 -8.04
N ILE B 20 13.34 -17.83 -6.77
CA ILE B 20 13.84 -16.53 -6.37
C ILE B 20 15.26 -16.75 -5.92
N SER B 21 16.24 -15.98 -6.39
CA SER B 21 17.60 -16.14 -5.93
C SER B 21 17.88 -15.15 -4.83
N CYS B 22 18.83 -15.35 -3.91
CA CYS B 22 19.11 -14.30 -2.96
C CYS B 22 20.64 -14.30 -2.87
N LYS B 23 21.41 -13.49 -3.55
CA LYS B 23 22.88 -13.54 -3.52
C LYS B 23 23.49 -12.89 -2.28
N ALA B 24 24.23 -13.58 -1.43
CA ALA B 24 24.82 -12.97 -0.26
C ALA B 24 26.16 -12.47 -0.63
N SER B 25 26.59 -11.28 -0.24
CA SER B 25 27.91 -10.78 -0.58
C SER B 25 28.50 -10.09 0.63
N GLY B 26 29.79 -10.16 1.01
CA GLY B 26 30.38 -9.33 2.07
C GLY B 26 30.57 -10.00 3.42
N TYR B 27 29.95 -11.18 3.53
CA TYR B 27 29.98 -11.85 4.79
C TYR B 27 30.07 -13.36 4.60
N ALA B 28 30.51 -13.97 5.68
CA ALA B 28 30.72 -15.37 5.78
C ALA B 28 29.38 -16.01 5.75
N PHE B 29 29.11 -16.54 4.59
CA PHE B 29 27.79 -17.11 4.36
C PHE B 29 27.31 -18.26 5.30
N THR B 30 28.27 -19.02 5.83
CA THR B 30 27.95 -20.18 6.63
C THR B 30 27.55 -19.64 7.96
N ASN B 31 28.01 -18.44 8.31
CA ASN B 31 27.81 -17.91 9.66
C ASN B 31 26.48 -17.39 10.15
N TYR B 32 25.42 -17.52 9.38
CA TYR B 32 24.14 -16.97 9.72
C TYR B 32 23.00 -17.93 9.35
N GLY B 33 21.75 -17.55 9.33
CA GLY B 33 20.70 -18.39 8.78
C GLY B 33 20.13 -17.66 7.56
N VAL B 34 19.50 -18.20 6.54
CA VAL B 34 18.83 -17.33 5.60
C VAL B 34 17.36 -17.56 5.94
N ASN B 35 16.54 -16.56 6.25
CA ASN B 35 15.12 -16.70 6.52
C ASN B 35 14.31 -16.16 5.37
N TRP B 36 13.14 -16.66 5.09
CA TRP B 36 12.36 -16.05 4.02
C TRP B 36 11.13 -15.41 4.66
N VAL B 37 10.81 -14.13 4.47
CA VAL B 37 9.65 -13.45 5.06
C VAL B 37 8.67 -12.99 3.94
N LYS B 38 7.38 -13.31 3.98
CA LYS B 38 6.37 -12.94 3.03
C LYS B 38 5.60 -11.70 3.41
N GLU B 39 5.58 -10.61 2.65
CA GLU B 39 4.81 -9.45 2.99
C GLU B 39 3.64 -9.46 2.05
N ALA B 40 2.46 -9.76 2.51
CA ALA B 40 1.31 -9.86 1.63
C ALA B 40 0.52 -8.57 1.61
N PRO B 41 -0.19 -8.17 0.57
CA PRO B 41 -0.89 -6.89 0.49
C PRO B 41 -1.82 -6.64 1.68
N GLY B 42 -1.57 -5.68 2.58
CA GLY B 42 -2.45 -5.44 3.71
C GLY B 42 -2.85 -6.72 4.49
N LYS B 43 -1.82 -7.58 4.62
CA LYS B 43 -1.82 -8.72 5.52
C LYS B 43 -0.50 -8.53 6.26
N GLU B 44 -0.27 -9.39 7.23
CA GLU B 44 0.94 -9.27 8.05
C GLU B 44 2.22 -9.61 7.33
N LEU B 45 3.28 -9.06 7.87
CA LEU B 45 4.59 -9.51 7.45
C LEU B 45 4.68 -10.97 7.96
N LYS B 46 4.60 -12.03 7.16
CA LYS B 46 4.66 -13.40 7.65
C LYS B 46 5.97 -14.21 7.50
N TRP B 47 6.57 -14.88 8.51
CA TRP B 47 7.81 -15.69 8.42
C TRP B 47 7.55 -17.07 7.77
N MET B 48 8.19 -17.34 6.64
CA MET B 48 7.92 -18.56 5.89
C MET B 48 8.66 -19.76 6.43
N GLY B 49 9.92 -19.54 6.76
CA GLY B 49 10.75 -20.63 7.23
C GLY B 49 12.20 -20.17 7.30
N TRP B 50 13.21 -21.03 7.15
CA TRP B 50 14.60 -20.71 7.46
C TRP B 50 15.54 -21.69 6.77
N ILE B 51 16.79 -21.40 6.56
CA ILE B 51 17.72 -22.37 6.03
C ILE B 51 18.95 -22.17 6.90
N ASN B 52 19.56 -23.27 7.33
CA ASN B 52 20.75 -23.33 8.18
C ASN B 52 21.90 -23.67 7.28
N ILE B 53 22.84 -22.80 7.02
CA ILE B 53 23.87 -23.05 6.05
C ILE B 53 24.85 -24.10 6.57
N TYR B 54 24.99 -24.42 7.86
CA TYR B 54 25.94 -25.45 8.24
C TYR B 54 25.33 -26.76 7.80
N THR B 55 24.25 -27.29 8.36
CA THR B 55 23.67 -28.52 7.83
C THR B 55 23.12 -28.42 6.42
N GLY B 56 22.28 -27.48 6.07
CA GLY B 56 21.71 -27.40 4.74
C GLY B 56 20.24 -27.75 4.89
N GLU B 57 19.72 -28.16 6.05
CA GLU B 57 18.30 -28.51 6.14
C GLU B 57 17.45 -27.30 6.51
N PRO B 58 16.33 -27.04 5.80
CA PRO B 58 15.49 -25.88 6.02
C PRO B 58 14.68 -26.15 7.23
N THR B 59 13.81 -25.21 7.56
CA THR B 59 12.74 -25.44 8.53
C THR B 59 11.61 -24.62 7.92
N TYR B 60 10.37 -25.10 8.05
CA TYR B 60 9.22 -24.45 7.47
C TYR B 60 8.09 -24.24 8.45
N VAL B 61 7.49 -23.06 8.45
CA VAL B 61 6.27 -22.85 9.19
C VAL B 61 5.25 -23.68 8.45
N ASP B 62 4.39 -24.33 9.24
CA ASP B 62 3.32 -25.19 8.74
C ASP B 62 2.65 -24.60 7.48
N ASP B 63 2.32 -23.31 7.62
CA ASP B 63 1.60 -22.53 6.64
C ASP B 63 2.17 -22.44 5.26
N PHE B 64 3.40 -22.90 5.00
CA PHE B 64 3.99 -22.82 3.68
C PHE B 64 4.69 -24.14 3.37
N LYS B 65 4.36 -25.19 4.15
CA LYS B 65 4.96 -26.52 3.98
C LYS B 65 4.52 -27.14 2.67
N GLY B 66 5.16 -28.22 2.21
CA GLY B 66 4.73 -28.86 1.00
C GLY B 66 5.15 -27.99 -0.16
N ARG B 67 4.22 -27.13 -0.63
CA ARG B 67 4.37 -26.34 -1.87
C ARG B 67 5.45 -25.30 -1.98
N PHE B 68 5.95 -24.73 -0.92
CA PHE B 68 7.06 -23.82 -1.01
C PHE B 68 8.29 -24.60 -0.77
N ALA B 69 9.44 -24.38 -1.37
CA ALA B 69 10.57 -25.19 -1.01
C ALA B 69 11.79 -24.35 -1.05
N PHE B 70 12.79 -24.57 -0.22
CA PHE B 70 13.94 -23.67 -0.17
C PHE B 70 15.20 -24.46 -0.56
N SER B 71 15.99 -24.12 -1.58
CA SER B 71 17.16 -24.91 -1.95
C SER B 71 18.30 -24.00 -1.73
N LEU B 72 19.51 -24.48 -1.89
CA LEU B 72 20.65 -23.67 -1.54
C LEU B 72 21.88 -24.06 -2.34
N GLU B 73 22.75 -23.12 -2.76
CA GLU B 73 24.02 -23.51 -3.36
C GLU B 73 25.15 -22.70 -2.67
N THR B 74 25.48 -23.21 -1.47
CA THR B 74 26.41 -22.56 -0.57
C THR B 74 27.77 -22.38 -1.16
N SER B 75 28.13 -22.97 -2.28
CA SER B 75 29.41 -22.68 -2.92
C SER B 75 29.31 -21.32 -3.59
N ALA B 76 28.12 -21.05 -4.11
CA ALA B 76 27.84 -19.86 -4.90
C ALA B 76 27.14 -18.79 -4.13
N SER B 77 27.20 -18.85 -2.79
CA SER B 77 26.51 -17.92 -1.90
C SER B 77 25.10 -17.50 -2.28
N THR B 78 24.39 -18.39 -2.98
CA THR B 78 23.03 -18.10 -3.30
C THR B 78 22.00 -18.99 -2.58
N ALA B 79 21.01 -18.35 -1.99
CA ALA B 79 19.90 -19.05 -1.36
C ALA B 79 18.69 -19.02 -2.26
N TYR B 80 17.78 -19.98 -2.11
CA TYR B 80 16.63 -20.07 -3.00
C TYR B 80 15.34 -20.46 -2.32
N LEU B 81 14.23 -19.93 -2.90
CA LEU B 81 12.86 -20.27 -2.55
C LEU B 81 12.18 -20.55 -3.88
N GLU B 82 11.47 -21.65 -3.99
CA GLU B 82 10.86 -22.09 -5.25
C GLU B 82 9.38 -22.22 -4.95
N ILE B 83 8.53 -21.73 -5.85
CA ILE B 83 7.10 -21.85 -5.59
C ILE B 83 6.56 -22.59 -6.77
N ASN B 84 5.81 -23.65 -6.52
CA ASN B 84 5.33 -24.55 -7.54
C ASN B 84 3.81 -24.48 -7.59
N ASN B 85 3.18 -24.66 -8.76
CA ASN B 85 1.75 -24.58 -8.94
C ASN B 85 1.27 -23.31 -8.25
N LEU B 86 1.80 -22.18 -8.77
CA LEU B 86 1.52 -20.88 -8.19
C LEU B 86 0.00 -20.60 -8.07
N LYS B 87 -0.49 -20.46 -6.86
CA LYS B 87 -1.92 -20.19 -6.64
C LYS B 87 -2.20 -18.68 -6.83
N ASN B 88 -3.37 -18.05 -6.71
CA ASN B 88 -3.45 -16.59 -6.82
C ASN B 88 -3.14 -15.87 -5.56
N GLU B 89 -3.15 -16.52 -4.42
CA GLU B 89 -2.91 -15.80 -3.21
C GLU B 89 -1.43 -15.64 -3.09
N ASP B 90 -0.53 -16.17 -3.91
CA ASP B 90 0.88 -15.94 -3.61
C ASP B 90 1.39 -14.57 -4.00
N THR B 91 0.54 -13.67 -4.47
CA THR B 91 0.95 -12.34 -4.84
C THR B 91 1.35 -11.66 -3.55
N ALA B 92 2.63 -11.41 -3.45
CA ALA B 92 3.16 -10.73 -2.32
C ALA B 92 4.59 -10.42 -2.62
N THR B 93 5.28 -9.72 -1.72
CA THR B 93 6.68 -9.47 -1.90
C THR B 93 7.39 -10.45 -0.96
N TYR B 94 8.29 -11.30 -1.44
CA TYR B 94 8.99 -12.21 -0.58
C TYR B 94 10.34 -11.62 -0.30
N PHE B 95 10.87 -11.56 0.91
CA PHE B 95 12.17 -11.02 1.24
C PHE B 95 12.99 -12.10 1.86
N CYS B 96 14.30 -12.04 1.71
CA CYS B 96 15.18 -12.93 2.43
C CYS B 96 15.88 -12.10 3.45
N THR B 97 16.08 -12.66 4.64
CA THR B 97 16.83 -11.98 5.69
C THR B 97 17.87 -12.83 6.44
N ARG B 98 19.07 -12.28 6.67
CA ARG B 98 20.11 -12.97 7.38
C ARG B 98 19.79 -12.91 8.86
N GLY B 99 19.52 -14.03 9.50
CA GLY B 99 19.31 -13.96 10.94
C GLY B 99 20.59 -14.20 11.72
N ASP B 100 20.75 -13.81 12.97
CA ASP B 100 21.94 -14.05 13.74
C ASP B 100 21.90 -15.17 14.79
N TYR B 101 22.92 -15.94 15.05
CA TYR B 101 22.87 -17.04 16.00
C TYR B 101 22.89 -16.66 17.47
N VAL B 102 23.57 -15.61 17.94
CA VAL B 102 23.58 -15.20 19.34
C VAL B 102 22.36 -14.38 19.84
N ASN B 103 21.90 -13.42 19.05
CA ASN B 103 20.82 -12.57 19.43
C ASN B 103 19.60 -12.71 18.61
N TRP B 104 19.45 -13.77 17.81
CA TRP B 104 18.27 -14.12 17.04
C TRP B 104 17.41 -13.15 16.26
N TYR B 105 17.89 -12.00 15.84
CA TYR B 105 17.14 -11.07 15.00
C TYR B 105 17.35 -11.27 13.53
N PHE B 106 16.99 -10.34 12.67
CA PHE B 106 17.23 -10.57 11.26
C PHE B 106 17.86 -9.28 10.83
N ASP B 107 19.17 -9.18 10.68
CA ASP B 107 19.65 -7.85 10.40
C ASP B 107 19.96 -7.31 9.04
N VAL B 108 20.06 -8.04 7.93
CA VAL B 108 20.31 -7.45 6.61
C VAL B 108 19.15 -7.96 5.85
N TRP B 109 18.41 -7.13 5.15
CA TRP B 109 17.27 -7.60 4.39
C TRP B 109 17.44 -7.29 2.96
N GLY B 110 17.05 -8.26 2.16
CA GLY B 110 17.11 -8.05 0.75
C GLY B 110 16.02 -7.08 0.39
N ALA B 111 16.01 -6.58 -0.82
CA ALA B 111 14.99 -5.68 -1.28
C ALA B 111 13.67 -6.31 -1.64
N GLY B 112 13.47 -7.59 -1.51
CA GLY B 112 12.17 -8.13 -1.83
C GLY B 112 11.91 -8.28 -3.30
N THR B 113 11.15 -9.34 -3.64
CA THR B 113 10.82 -9.71 -5.01
C THR B 113 9.32 -9.75 -5.02
N THR B 114 8.70 -9.24 -6.04
CA THR B 114 7.26 -9.13 -6.14
C THR B 114 6.69 -10.21 -7.01
N VAL B 115 5.94 -11.23 -6.64
CA VAL B 115 5.36 -12.11 -7.64
C VAL B 115 3.94 -11.62 -7.84
N THR B 116 3.37 -11.73 -9.01
CA THR B 116 2.03 -11.29 -9.26
C THR B 116 1.49 -12.48 -9.98
N VAL B 117 0.50 -13.16 -9.44
CA VAL B 117 -0.05 -14.32 -10.09
C VAL B 117 -1.38 -13.78 -10.62
N SER B 118 -1.74 -14.01 -11.89
CA SER B 118 -3.00 -13.56 -12.49
C SER B 118 -3.28 -14.33 -13.78
N SER B 119 -4.51 -14.34 -14.26
CA SER B 119 -4.88 -14.98 -15.50
C SER B 119 -4.99 -14.00 -16.66
N ALA B 120 -5.02 -12.69 -16.41
CA ALA B 120 -5.21 -11.71 -17.46
C ALA B 120 -4.13 -11.72 -18.54
N LYS B 121 -4.51 -11.15 -19.67
CA LYS B 121 -3.64 -11.05 -20.81
C LYS B 121 -3.35 -9.55 -20.93
N THR B 122 -2.30 -9.05 -21.55
CA THR B 122 -2.10 -7.62 -21.63
C THR B 122 -3.32 -6.98 -22.29
N THR B 123 -3.73 -5.85 -21.73
CA THR B 123 -4.85 -5.12 -22.25
C THR B 123 -4.44 -3.67 -22.07
N PRO B 124 -4.44 -2.89 -23.15
CA PRO B 124 -4.38 -1.44 -23.15
C PRO B 124 -5.51 -0.75 -22.37
N PRO B 125 -5.36 0.31 -21.57
CA PRO B 125 -6.47 0.87 -20.85
C PRO B 125 -7.50 1.60 -21.73
N SER B 126 -8.78 1.70 -21.36
CA SER B 126 -9.76 2.58 -21.97
C SER B 126 -9.62 3.85 -21.15
N VAL B 127 -9.45 5.05 -21.71
CA VAL B 127 -9.30 6.27 -20.94
C VAL B 127 -10.48 7.15 -21.28
N TYR B 128 -11.15 7.55 -20.22
CA TYR B 128 -12.37 8.34 -20.30
C TYR B 128 -12.16 9.65 -19.52
N PRO B 129 -12.72 10.82 -19.88
CA PRO B 129 -12.53 12.09 -19.18
C PRO B 129 -13.68 12.39 -18.22
N LEU B 130 -13.33 13.11 -17.18
CA LEU B 130 -14.31 13.46 -16.23
C LEU B 130 -14.45 14.97 -16.14
N ALA B 131 -15.39 15.61 -16.84
CA ALA B 131 -15.68 17.05 -16.78
C ALA B 131 -16.96 17.28 -15.98
N PRO B 132 -17.18 18.33 -15.21
CA PRO B 132 -18.30 18.48 -14.32
C PRO B 132 -19.59 18.99 -15.02
N GLY B 133 -20.53 18.15 -15.51
CA GLY B 133 -21.75 18.59 -16.26
C GLY B 133 -22.53 19.86 -15.78
N SER B 134 -21.93 21.04 -16.07
CA SER B 134 -22.42 22.33 -15.56
C SER B 134 -22.65 22.27 -14.03
N ALA B 135 -21.88 21.40 -13.34
CA ALA B 135 -21.94 21.33 -11.89
C ALA B 135 -21.12 22.59 -11.57
N ALA B 136 -21.93 23.61 -11.23
CA ALA B 136 -21.40 24.97 -11.10
C ALA B 136 -20.27 25.21 -10.08
N GLN B 137 -19.79 26.47 -9.96
CA GLN B 137 -18.71 26.72 -9.03
C GLN B 137 -19.30 26.67 -7.62
N THR B 138 -18.71 25.70 -6.88
CA THR B 138 -19.02 25.47 -5.46
C THR B 138 -18.19 26.52 -4.73
N ASN B 139 -17.00 26.76 -5.35
CA ASN B 139 -16.09 27.84 -4.94
C ASN B 139 -14.91 27.83 -5.89
N SER B 140 -15.07 28.52 -7.03
CA SER B 140 -14.02 28.92 -7.96
C SER B 140 -12.86 28.04 -8.31
N MET B 141 -13.02 26.74 -8.19
CA MET B 141 -11.95 25.80 -8.40
C MET B 141 -12.68 24.64 -9.07
N VAL B 142 -12.16 24.26 -10.24
CA VAL B 142 -12.75 23.12 -10.86
C VAL B 142 -11.73 22.03 -10.68
N THR B 143 -12.21 20.86 -10.46
CA THR B 143 -11.41 19.69 -10.36
C THR B 143 -11.96 18.89 -11.50
N LEU B 144 -11.09 18.51 -12.44
CA LEU B 144 -11.48 17.58 -13.50
C LEU B 144 -10.83 16.24 -13.15
N GLY B 145 -11.01 15.23 -13.96
CA GLY B 145 -10.36 13.96 -13.72
C GLY B 145 -10.29 13.16 -14.99
N CYS B 146 -9.55 12.08 -14.90
CA CYS B 146 -9.35 11.09 -15.96
C CYS B 146 -9.69 9.75 -15.32
N LEU B 147 -10.17 8.74 -16.06
CA LEU B 147 -10.48 7.44 -15.52
C LEU B 147 -9.98 6.48 -16.56
N VAL B 148 -9.02 5.67 -16.11
CA VAL B 148 -8.35 4.69 -16.93
C VAL B 148 -8.75 3.36 -16.32
N LYS B 149 -9.60 2.67 -17.09
CA LYS B 149 -10.20 1.43 -16.65
C LYS B 149 -9.79 0.35 -17.61
N GLY B 150 -9.84 -0.83 -17.01
CA GLY B 150 -9.59 -2.08 -17.66
C GLY B 150 -8.17 -2.16 -18.16
N TYR B 151 -7.10 -2.35 -17.38
CA TYR B 151 -5.77 -2.61 -17.91
C TYR B 151 -4.97 -3.66 -17.17
N PHE B 152 -4.10 -4.31 -17.85
CA PHE B 152 -3.20 -5.21 -17.18
C PHE B 152 -1.96 -5.13 -18.05
N PRO B 153 -0.72 -5.20 -17.57
CA PRO B 153 -0.31 -5.05 -16.21
C PRO B 153 -0.20 -3.69 -15.66
N GLU B 154 0.11 -3.60 -14.40
CA GLU B 154 0.52 -2.34 -13.82
C GLU B 154 1.93 -2.16 -14.27
N PRO B 155 2.53 -1.02 -14.55
CA PRO B 155 1.92 0.28 -14.48
C PRO B 155 1.46 1.02 -15.71
N VAL B 156 0.68 2.03 -15.30
CA VAL B 156 0.23 3.14 -16.13
C VAL B 156 0.95 4.35 -15.51
N THR B 157 0.81 5.55 -16.06
CA THR B 157 1.45 6.76 -15.55
C THR B 157 0.46 7.86 -15.89
N VAL B 158 -0.14 8.69 -15.02
CA VAL B 158 -0.94 9.78 -15.55
C VAL B 158 -0.20 11.07 -15.39
N THR B 159 -0.27 11.95 -16.38
CA THR B 159 0.24 13.32 -16.30
C THR B 159 -0.83 14.20 -16.88
N TRP B 160 -0.80 15.46 -16.62
CA TRP B 160 -1.78 16.39 -17.09
C TRP B 160 -0.92 17.43 -17.70
N ASN B 161 -1.23 17.89 -18.90
CA ASN B 161 -0.46 18.87 -19.64
C ASN B 161 0.99 18.55 -19.58
N SER B 162 1.36 17.31 -19.87
CA SER B 162 2.72 16.90 -19.99
C SER B 162 3.58 17.21 -18.78
N GLY B 163 3.04 17.13 -17.56
CA GLY B 163 3.79 17.42 -16.35
C GLY B 163 3.88 18.89 -15.97
N SER B 164 3.37 19.80 -16.80
CA SER B 164 3.29 21.23 -16.54
C SER B 164 2.27 21.52 -15.46
N LEU B 165 1.47 20.56 -14.99
CA LEU B 165 0.49 20.65 -13.91
C LEU B 165 0.71 19.42 -13.03
N SER B 166 1.08 19.77 -11.79
CA SER B 166 1.41 18.78 -10.78
C SER B 166 1.08 19.24 -9.38
N SER B 167 0.90 20.52 -9.02
CA SER B 167 0.53 20.84 -7.65
C SER B 167 -0.91 20.46 -7.37
N GLY B 168 -1.83 20.41 -8.33
CA GLY B 168 -3.21 20.04 -7.98
C GLY B 168 -3.66 18.61 -8.33
N VAL B 169 -2.67 17.73 -8.62
CA VAL B 169 -2.91 16.40 -9.17
C VAL B 169 -2.86 15.31 -8.13
N HIS B 170 -3.92 14.51 -8.01
CA HIS B 170 -3.98 13.39 -7.09
C HIS B 170 -4.11 12.11 -7.90
N THR B 171 -3.33 11.05 -7.86
CA THR B 171 -3.65 9.95 -8.72
C THR B 171 -3.93 8.86 -7.75
N PHE B 172 -5.01 8.10 -7.90
CA PHE B 172 -5.35 7.18 -6.84
C PHE B 172 -4.87 5.81 -7.25
N PRO B 173 -4.26 5.06 -6.31
CA PRO B 173 -4.10 3.64 -6.36
C PRO B 173 -5.15 2.85 -7.13
N ALA B 174 -4.49 1.94 -7.86
CA ALA B 174 -5.08 0.94 -8.71
C ALA B 174 -5.87 0.00 -7.85
N VAL B 175 -6.99 -0.48 -8.37
CA VAL B 175 -7.78 -1.41 -7.61
C VAL B 175 -8.26 -2.27 -8.71
N LEU B 176 -7.99 -3.56 -8.69
CA LEU B 176 -8.42 -4.39 -9.79
C LEU B 176 -9.81 -4.86 -9.64
N GLN B 177 -10.65 -4.52 -10.58
CA GLN B 177 -11.99 -5.01 -10.58
C GLN B 177 -12.03 -6.02 -11.74
N SER B 178 -12.24 -7.27 -11.35
CA SER B 178 -12.28 -8.43 -12.21
C SER B 178 -11.05 -8.65 -13.08
N ASP B 179 -9.95 -9.06 -12.45
CA ASP B 179 -8.66 -9.38 -13.07
C ASP B 179 -7.89 -8.19 -13.54
N LEU B 180 -8.54 -7.31 -14.27
CA LEU B 180 -7.94 -6.11 -14.78
C LEU B 180 -7.92 -4.97 -13.72
N TYR B 181 -7.06 -3.98 -13.87
CA TYR B 181 -7.00 -2.88 -12.95
C TYR B 181 -7.86 -1.69 -13.36
N THR B 182 -8.16 -0.82 -12.40
CA THR B 182 -8.78 0.48 -12.62
C THR B 182 -8.04 1.56 -11.79
N LEU B 183 -8.01 2.82 -12.26
CA LEU B 183 -7.28 3.93 -11.62
C LEU B 183 -7.81 5.30 -12.09
N SER B 184 -7.86 6.40 -11.32
CA SER B 184 -8.30 7.72 -11.77
C SER B 184 -7.38 8.82 -11.27
N SER B 185 -7.30 9.96 -11.95
CA SER B 185 -6.44 11.05 -11.49
C SER B 185 -7.29 12.31 -11.57
N SER B 186 -7.16 13.26 -10.64
CA SER B 186 -7.90 14.50 -10.67
C SER B 186 -6.96 15.65 -10.63
N VAL B 187 -7.23 16.70 -11.37
CA VAL B 187 -6.41 17.87 -11.20
C VAL B 187 -7.40 18.89 -10.70
N THR B 188 -6.95 19.86 -9.93
CA THR B 188 -7.81 20.94 -9.49
C THR B 188 -7.21 22.25 -10.05
N VAL B 189 -7.82 22.97 -10.97
CA VAL B 189 -7.22 24.19 -11.50
C VAL B 189 -7.96 25.43 -10.99
N PRO B 190 -7.59 26.65 -11.15
CA PRO B 190 -8.39 27.86 -10.94
C PRO B 190 -9.54 27.92 -12.04
N SER B 191 -10.78 28.37 -11.81
CA SER B 191 -11.81 28.47 -12.86
C SER B 191 -11.56 29.32 -14.14
N SER B 192 -10.57 30.20 -14.12
CA SER B 192 -10.15 31.00 -15.26
C SER B 192 -9.11 30.25 -16.16
N PRO B 193 -8.17 29.38 -15.65
CA PRO B 193 -7.39 28.45 -16.46
C PRO B 193 -8.36 27.57 -17.24
N ARG B 194 -9.22 26.83 -16.69
CA ARG B 194 -9.98 25.96 -17.62
C ARG B 194 -11.36 26.53 -17.48
N PRO B 195 -12.23 26.69 -18.48
CA PRO B 195 -12.15 26.15 -19.84
C PRO B 195 -11.52 27.06 -20.91
N SER B 196 -10.98 28.22 -20.52
CA SER B 196 -10.19 29.05 -21.44
C SER B 196 -8.92 28.43 -22.00
N GLU B 197 -8.15 27.82 -21.11
CA GLU B 197 -6.95 27.09 -21.41
C GLU B 197 -7.36 25.64 -21.38
N THR B 198 -6.66 24.83 -22.17
CA THR B 198 -7.04 23.45 -22.25
C THR B 198 -6.50 22.61 -21.09
N VAL B 199 -7.10 21.50 -20.67
CA VAL B 199 -6.41 20.66 -19.72
C VAL B 199 -6.50 19.28 -20.32
N THR B 200 -5.35 18.66 -20.47
CA THR B 200 -5.23 17.38 -21.13
C THR B 200 -4.71 16.38 -20.13
N CYS B 201 -5.19 15.19 -20.29
CA CYS B 201 -4.88 14.03 -19.52
C CYS B 201 -4.13 13.03 -20.39
N ASN B 202 -2.87 12.77 -20.00
CA ASN B 202 -1.91 11.95 -20.76
C ASN B 202 -1.62 10.64 -20.06
N VAL B 203 -2.10 9.50 -20.48
CA VAL B 203 -1.74 8.27 -19.79
C VAL B 203 -1.03 7.34 -20.76
N ALA B 204 0.07 6.81 -20.24
CA ALA B 204 0.98 5.95 -20.92
C ALA B 204 0.92 4.57 -20.31
N HIS B 205 0.90 3.45 -21.03
CA HIS B 205 0.88 2.12 -20.45
C HIS B 205 2.07 1.36 -21.01
N PRO B 206 3.25 1.42 -20.37
CA PRO B 206 4.48 0.89 -20.92
C PRO B 206 4.34 -0.54 -21.42
N ALA B 207 3.78 -1.47 -20.65
CA ALA B 207 3.62 -2.86 -21.04
C ALA B 207 2.93 -3.16 -22.34
N SER B 208 2.00 -2.34 -22.75
CA SER B 208 1.30 -2.55 -24.00
C SER B 208 1.71 -1.63 -25.11
N SER B 209 2.57 -0.69 -24.82
CA SER B 209 3.01 0.33 -25.75
C SER B 209 1.89 1.27 -26.25
N THR B 210 1.07 1.79 -25.33
CA THR B 210 -0.08 2.64 -25.66
C THR B 210 -0.03 3.93 -24.87
N LYS B 211 -0.06 5.11 -25.51
CA LYS B 211 -0.13 6.40 -24.81
C LYS B 211 -1.36 7.09 -25.34
N VAL B 212 -2.30 7.47 -24.49
CA VAL B 212 -3.56 8.08 -24.88
C VAL B 212 -3.62 9.48 -24.30
N ASP B 213 -3.85 10.49 -25.15
CA ASP B 213 -4.16 11.85 -24.68
C ASP B 213 -5.63 12.16 -24.84
N LYS B 214 -6.21 12.51 -23.71
CA LYS B 214 -7.58 12.88 -23.69
C LYS B 214 -7.65 14.32 -23.32
N LYS B 215 -8.46 15.11 -24.00
CA LYS B 215 -8.70 16.48 -23.64
C LYS B 215 -10.02 16.54 -22.83
N ILE B 216 -10.10 17.36 -21.77
CA ILE B 216 -11.31 17.53 -20.98
C ILE B 216 -12.04 18.70 -21.58
N VAL B 217 -13.18 18.35 -22.13
CA VAL B 217 -14.02 19.28 -22.84
C VAL B 217 -15.23 19.63 -21.97
N PRO B 218 -15.58 20.94 -21.82
CA PRO B 218 -16.75 21.37 -21.09
C PRO B 218 -17.96 20.62 -21.56
N ARG B 219 -18.44 20.34 -20.39
CA ARG B 219 -19.68 19.68 -20.13
C ARG B 219 -19.62 20.11 -18.64
#